data_4RRG
#
_entry.id   4RRG
#
_cell.length_a   36.569
_cell.length_b   64.885
_cell.length_c   97.752
_cell.angle_alpha   90.00
_cell.angle_beta   91.07
_cell.angle_gamma   90.00
#
_symmetry.space_group_name_H-M   'P 1 21 1'
#
loop_
_entity.id
_entity.type
_entity.pdbx_description
1 polymer 'Threonine--tRNA ligase'
2 non-polymer "3'-deoxy-3'-(L-threonylamino)adenosine"
3 water water
#
_entity_poly.entity_id   1
_entity_poly.type   'polypeptide(L)'
_entity_poly.pdbx_seq_one_letter_code
;MKMLLIHSDYLEFEAKEKTKIAEETENLKGKLDECLACFIAVEREDENNPEGTAIGAVEEIEKVANQLKVNNIVVYPYAH
LSSDLSSPETAVKVLKDIESILKERGYNVLRAPFGWYKAFKISCKGHPLSELSRKIVAKEE
;
_entity_poly.pdbx_strand_id   A,B,C,D
#
# COMPACT_ATOMS: atom_id res chain seq x y z
N MET A 1 -15.31 31.96 -21.17
CA MET A 1 -14.06 31.12 -21.28
C MET A 1 -13.56 30.65 -19.91
N LYS A 2 -13.06 29.42 -19.85
CA LYS A 2 -12.38 28.95 -18.65
C LYS A 2 -10.93 28.61 -18.99
N MET A 3 -10.02 29.03 -18.13
CA MET A 3 -8.59 28.85 -18.37
C MET A 3 -7.88 28.38 -17.11
N LEU A 4 -6.95 27.44 -17.27
CA LEU A 4 -6.06 27.06 -16.20
C LEU A 4 -4.65 27.44 -16.58
N LEU A 5 -4.01 28.27 -15.75
CA LEU A 5 -2.65 28.74 -16.04
C LEU A 5 -1.68 28.01 -15.12
N ILE A 6 -0.77 27.24 -15.73
CA ILE A 6 0.20 26.49 -14.95
C ILE A 6 1.62 26.98 -15.22
N HIS A 7 2.23 27.56 -14.19
CA HIS A 7 3.62 28.01 -14.33
C HIS A 7 4.53 26.79 -14.25
N SER A 8 5.17 26.49 -15.38
CA SER A 8 5.76 25.19 -15.60
C SER A 8 7.26 25.23 -15.91
N ASP A 9 7.99 24.23 -15.42
CA ASP A 9 9.42 24.03 -15.80
C ASP A 9 9.55 23.76 -17.30
N TYR A 10 8.57 23.03 -17.83
CA TYR A 10 8.52 22.66 -19.23
C TYR A 10 7.12 22.16 -19.59
N LEU A 11 6.82 22.17 -20.88
CA LEU A 11 5.66 21.47 -21.42
C LEU A 11 6.06 20.89 -22.77
N GLU A 12 5.82 19.60 -22.92
CA GLU A 12 5.98 18.96 -24.22
C GLU A 12 4.71 18.22 -24.57
N PHE A 13 4.40 18.16 -25.87
CA PHE A 13 3.25 17.40 -26.33
C PHE A 13 3.60 16.66 -27.60
N GLU A 14 2.81 15.61 -27.88
CA GLU A 14 2.96 14.81 -29.09
C GLU A 14 1.58 14.37 -29.54
N ALA A 15 1.12 14.91 -30.67
CA ALA A 15 -0.15 14.46 -31.24
C ALA A 15 -0.01 12.99 -31.59
N LYS A 16 -1.05 12.21 -31.30
CA LYS A 16 -1.01 10.77 -31.51
C LYS A 16 -2.12 10.29 -32.43
N GLU A 17 -3.29 10.91 -32.33
CA GLU A 17 -4.46 10.46 -33.09
C GLU A 17 -5.42 11.61 -33.35
N LYS A 18 -6.04 11.60 -34.53
CA LYS A 18 -7.03 12.60 -34.90
C LYS A 18 -8.40 12.27 -34.33
N THR A 19 -9.11 13.30 -33.88
CA THR A 19 -10.56 13.22 -33.66
C THR A 19 -11.24 13.61 -34.97
N LYS A 20 -12.57 13.61 -34.98
CA LYS A 20 -13.34 14.03 -36.15
C LYS A 20 -13.16 15.52 -36.47
N ILE A 21 -12.88 16.31 -35.43
CA ILE A 21 -12.73 17.77 -35.58
C ILE A 21 -11.27 18.24 -35.47
N ALA A 22 -10.33 17.38 -35.86
CA ALA A 22 -8.91 17.73 -35.84
C ALA A 22 -8.59 18.88 -36.80
N GLU A 23 -7.73 19.79 -36.35
CA GLU A 23 -7.28 20.93 -37.16
C GLU A 23 -5.99 20.57 -37.88
N GLU A 24 -5.83 21.11 -39.08
CA GLU A 24 -4.54 21.15 -39.76
C GLU A 24 -3.59 21.89 -38.85
N THR A 25 -2.43 21.30 -38.60
CA THR A 25 -1.47 21.94 -37.72
C THR A 25 -0.07 21.78 -38.29
N GLU A 26 0.77 22.80 -38.07
CA GLU A 26 2.12 22.78 -38.59
C GLU A 26 3.15 22.33 -37.54
N ASN A 27 2.66 21.81 -36.43
CA ASN A 27 3.48 21.18 -35.40
C ASN A 27 2.69 20.12 -34.63
N LEU A 28 2.92 18.86 -34.97
CA LEU A 28 2.32 17.73 -34.25
C LEU A 28 3.07 17.47 -32.96
N LYS A 29 4.28 18.00 -32.87
CA LYS A 29 5.10 17.89 -31.66
C LYS A 29 5.56 19.27 -31.21
N GLY A 30 5.81 19.40 -29.90
CA GLY A 30 6.30 20.66 -29.38
C GLY A 30 6.85 20.56 -27.97
N LYS A 31 7.85 21.37 -27.68
CA LYS A 31 8.41 21.51 -26.35
C LYS A 31 8.70 22.99 -26.07
N LEU A 32 8.37 23.42 -24.86
CA LEU A 32 8.70 24.75 -24.39
C LEU A 32 9.12 24.71 -22.92
N ASP A 33 10.33 25.18 -22.66
CA ASP A 33 10.87 25.26 -21.28
C ASP A 33 10.29 26.47 -20.57
N GLU A 34 10.25 26.38 -19.24
CA GLU A 34 9.86 27.48 -18.35
C GLU A 34 8.80 28.41 -18.97
N CYS A 35 7.53 28.04 -18.79
CA CYS A 35 6.45 28.68 -19.51
C CYS A 35 5.18 28.79 -18.68
N LEU A 36 4.22 29.55 -19.19
CA LEU A 36 2.89 29.58 -18.62
C LEU A 36 2.04 28.72 -19.53
N ALA A 37 1.71 27.51 -19.06
CA ALA A 37 0.89 26.60 -19.83
C ALA A 37 -0.56 27.00 -19.56
N CYS A 38 -1.21 27.49 -20.61
CA CYS A 38 -2.57 27.98 -20.53
C CYS A 38 -3.50 26.96 -21.18
N PHE A 39 -4.20 26.22 -20.32
CA PHE A 39 -5.17 25.24 -20.78
C PHE A 39 -6.50 25.95 -20.91
N ILE A 40 -7.06 25.92 -22.12
CA ILE A 40 -8.21 26.77 -22.44
C ILE A 40 -9.42 26.01 -23.00
N ALA A 41 -10.58 26.26 -22.41
CA ALA A 41 -11.87 25.82 -22.95
C ALA A 41 -12.62 27.05 -23.41
N VAL A 42 -12.87 27.13 -24.71
CA VAL A 42 -13.67 28.22 -25.29
C VAL A 42 -15.13 27.80 -25.12
N GLU A 43 -15.92 28.70 -24.52
CA GLU A 43 -17.24 28.35 -24.03
C GLU A 43 -18.35 28.91 -24.90
N ARG A 44 -19.58 28.38 -24.74
CA ARG A 44 -20.71 28.82 -25.55
C ARG A 44 -20.93 30.32 -25.44
N GLU A 45 -20.84 30.85 -24.21
CA GLU A 45 -20.96 32.29 -23.97
C GLU A 45 -19.93 33.12 -24.74
N ASP A 46 -18.80 32.50 -25.09
CA ASP A 46 -17.73 33.15 -25.85
C ASP A 46 -18.12 33.42 -27.31
N GLU A 47 -19.11 32.69 -27.81
CA GLU A 47 -19.55 32.85 -29.19
C GLU A 47 -20.24 34.21 -29.43
N ASN A 48 -20.75 34.81 -28.35
CA ASN A 48 -21.32 36.16 -28.39
C ASN A 48 -20.32 37.17 -28.98
N ASN A 49 -19.03 36.97 -28.67
CA ASN A 49 -17.97 37.85 -29.16
C ASN A 49 -16.59 37.15 -29.16
N PRO A 50 -16.30 36.34 -30.20
CA PRO A 50 -15.04 35.59 -30.22
C PRO A 50 -13.80 36.49 -30.22
N GLU A 51 -13.88 37.60 -30.95
CA GLU A 51 -12.77 38.55 -31.00
C GLU A 51 -12.52 39.20 -29.65
N GLY A 52 -13.59 39.59 -28.95
CA GLY A 52 -13.48 40.17 -27.61
C GLY A 52 -12.95 39.17 -26.60
N THR A 53 -13.33 37.91 -26.79
CA THR A 53 -12.92 36.80 -25.92
C THR A 53 -11.41 36.58 -26.00
N ALA A 54 -10.86 36.63 -27.22
CA ALA A 54 -9.42 36.47 -27.44
C ALA A 54 -8.62 37.60 -26.83
N ILE A 55 -9.16 38.82 -26.91
CA ILE A 55 -8.58 39.99 -26.23
C ILE A 55 -8.65 39.85 -24.71
N GLY A 56 -9.84 39.52 -24.22
CA GLY A 56 -10.04 39.25 -22.79
C GLY A 56 -9.10 38.17 -22.28
N ALA A 57 -8.88 37.14 -23.09
CA ALA A 57 -7.94 36.05 -22.74
C ALA A 57 -6.48 36.52 -22.64
N VAL A 58 -6.02 37.22 -23.67
CA VAL A 58 -4.66 37.76 -23.69
C VAL A 58 -4.46 38.73 -22.51
N GLU A 59 -5.45 39.58 -22.27
CA GLU A 59 -5.40 40.53 -21.16
C GLU A 59 -5.13 39.80 -19.83
N GLU A 60 -5.87 38.72 -19.57
CA GLU A 60 -5.69 37.94 -18.34
C GLU A 60 -4.38 37.17 -18.28
N ILE A 61 -3.98 36.56 -19.40
CA ILE A 61 -2.68 35.88 -19.51
C ILE A 61 -1.55 36.85 -19.21
N GLU A 62 -1.61 38.04 -19.81
CA GLU A 62 -0.63 39.08 -19.52
C GLU A 62 -0.61 39.43 -18.03
N LYS A 63 -1.79 39.60 -17.44
CA LYS A 63 -1.90 39.94 -16.03
C LYS A 63 -1.10 38.97 -15.17
N VAL A 64 -1.34 37.68 -15.38
CA VAL A 64 -0.60 36.62 -14.68
C VAL A 64 0.86 36.51 -15.12
N ALA A 65 1.10 36.57 -16.43
CA ALA A 65 2.45 36.40 -16.96
C ALA A 65 3.38 37.55 -16.57
N ASN A 66 2.82 38.76 -16.45
CA ASN A 66 3.57 39.92 -15.95
C ASN A 66 3.86 39.80 -14.45
N GLN A 67 2.92 39.21 -13.70
CA GLN A 67 3.10 38.96 -12.27
C GLN A 67 4.14 37.86 -12.00
N LEU A 68 4.38 37.01 -12.98
CA LEU A 68 5.40 35.96 -12.89
C LEU A 68 6.62 36.33 -13.74
N LYS A 69 6.47 37.41 -14.49
CA LYS A 69 7.49 37.90 -15.45
C LYS A 69 7.98 36.76 -16.38
N VAL A 70 7.01 36.02 -16.92
CA VAL A 70 7.27 34.94 -17.87
C VAL A 70 6.95 35.45 -19.27
N ASN A 71 7.78 35.06 -20.24
CA ASN A 71 7.61 35.48 -21.62
C ASN A 71 7.19 34.33 -22.53
N ASN A 72 7.32 33.11 -22.00
CA ASN A 72 6.99 31.89 -22.74
C ASN A 72 5.58 31.42 -22.41
N ILE A 73 4.78 31.23 -23.45
CA ILE A 73 3.36 30.87 -23.28
C ILE A 73 3.03 29.66 -24.14
N VAL A 74 2.35 28.67 -23.56
CA VAL A 74 1.73 27.60 -24.33
C VAL A 74 0.21 27.76 -24.32
N VAL A 75 -0.39 27.77 -25.51
CA VAL A 75 -1.84 27.84 -25.69
C VAL A 75 -2.30 26.40 -25.96
N TYR A 76 -2.94 25.80 -24.96
CA TYR A 76 -3.22 24.37 -25.01
C TYR A 76 -4.73 24.15 -24.94
N PRO A 77 -5.35 23.74 -26.07
CA PRO A 77 -6.79 23.54 -26.04
C PRO A 77 -7.12 22.48 -25.00
N TYR A 78 -8.14 22.75 -24.18
CA TYR A 78 -8.52 21.78 -23.15
C TYR A 78 -10.00 21.85 -22.83
N ALA A 79 -10.78 21.13 -23.65
CA ALA A 79 -12.24 21.16 -23.58
C ALA A 79 -12.82 20.76 -22.22
N HIS A 80 -12.13 19.84 -21.53
CA HIS A 80 -12.58 19.33 -20.23
C HIS A 80 -12.74 20.37 -19.12
N LEU A 81 -12.24 21.59 -19.32
CA LEU A 81 -12.41 22.64 -18.31
C LEU A 81 -13.82 23.25 -18.28
N SER A 82 -14.64 22.93 -19.27
CA SER A 82 -16.01 23.43 -19.31
C SER A 82 -16.99 22.38 -19.82
N SER A 83 -18.24 22.46 -19.34
CA SER A 83 -19.30 21.58 -19.80
C SER A 83 -20.22 22.26 -20.81
N ASP A 84 -19.97 23.53 -21.11
CA ASP A 84 -20.79 24.26 -22.07
C ASP A 84 -19.87 24.93 -23.09
N LEU A 85 -19.47 24.13 -24.08
CA LEU A 85 -18.40 24.51 -24.98
C LEU A 85 -18.88 25.28 -26.20
N SER A 86 -17.97 26.06 -26.77
CA SER A 86 -18.21 26.71 -28.05
C SER A 86 -18.15 25.71 -29.20
N SER A 87 -18.49 26.16 -30.39
CA SER A 87 -18.23 25.39 -31.59
C SER A 87 -16.73 25.25 -31.83
N PRO A 88 -16.30 24.10 -32.37
CA PRO A 88 -14.92 23.86 -32.79
C PRO A 88 -14.35 24.96 -33.70
N GLU A 89 -15.16 25.42 -34.66
CA GLU A 89 -14.73 26.49 -35.58
C GLU A 89 -14.41 27.78 -34.82
N THR A 90 -15.26 28.13 -33.87
CA THR A 90 -15.04 29.33 -33.06
C THR A 90 -13.88 29.17 -32.08
N ALA A 91 -13.76 27.96 -31.50
CA ALA A 91 -12.67 27.65 -30.58
C ALA A 91 -11.31 27.79 -31.27
N VAL A 92 -11.18 27.20 -32.46
CA VAL A 92 -9.97 27.31 -33.28
C VAL A 92 -9.66 28.77 -33.59
N LYS A 93 -10.68 29.54 -33.97
CA LYS A 93 -10.49 30.96 -34.25
C LYS A 93 -9.94 31.70 -33.02
N VAL A 94 -10.55 31.51 -31.87
CA VAL A 94 -10.14 32.21 -30.64
C VAL A 94 -8.72 31.83 -30.23
N LEU A 95 -8.41 30.54 -30.28
CA LEU A 95 -7.10 30.04 -29.89
C LEU A 95 -6.02 30.58 -30.83
N LYS A 96 -6.34 30.62 -32.12
CA LYS A 96 -5.42 31.17 -33.11
C LYS A 96 -5.21 32.68 -32.94
N ASP A 97 -6.28 33.41 -32.65
CA ASP A 97 -6.20 34.86 -32.36
C ASP A 97 -5.39 35.16 -31.11
N ILE A 98 -5.60 34.35 -30.06
CA ILE A 98 -4.81 34.47 -28.83
C ILE A 98 -3.32 34.32 -29.13
N GLU A 99 -2.97 33.29 -29.91
CA GLU A 99 -1.58 33.07 -30.31
C GLU A 99 -1.05 34.28 -31.09
N SER A 100 -1.87 34.80 -32.01
CA SER A 100 -1.49 35.96 -32.84
C SER A 100 -1.23 37.23 -32.03
N ILE A 101 -2.19 37.59 -31.18
CA ILE A 101 -2.07 38.74 -30.29
C ILE A 101 -0.86 38.63 -29.35
N LEU A 102 -0.67 37.47 -28.72
CA LEU A 102 0.48 37.27 -27.84
C LEU A 102 1.80 37.44 -28.58
N LYS A 103 1.91 36.78 -29.74
CA LYS A 103 3.10 36.95 -30.58
C LYS A 103 3.34 38.43 -30.90
N GLU A 104 2.28 39.13 -31.29
CA GLU A 104 2.33 40.56 -31.55
C GLU A 104 2.80 41.36 -30.34
N ARG A 105 2.48 40.88 -29.14
CA ARG A 105 2.84 41.54 -27.88
C ARG A 105 4.20 41.09 -27.34
N GLY A 106 5.00 40.48 -28.21
CA GLY A 106 6.38 40.12 -27.90
C GLY A 106 6.54 38.92 -26.98
N TYR A 107 5.51 38.06 -26.94
CA TYR A 107 5.60 36.82 -26.16
C TYR A 107 6.04 35.66 -27.05
N ASN A 108 6.77 34.73 -26.45
CA ASN A 108 7.15 33.50 -27.12
C ASN A 108 6.02 32.48 -26.97
N VAL A 109 5.40 32.10 -28.08
CA VAL A 109 4.16 31.30 -28.03
C VAL A 109 4.25 29.97 -28.78
N LEU A 110 3.71 28.92 -28.17
CA LEU A 110 3.56 27.62 -28.77
C LEU A 110 2.09 27.18 -28.63
N ARG A 111 1.45 26.82 -29.73
CA ARG A 111 0.06 26.37 -29.66
C ARG A 111 -0.04 24.88 -29.99
N ALA A 112 -0.64 24.13 -29.07
CA ALA A 112 -0.86 22.69 -29.26
C ALA A 112 -2.01 22.44 -30.25
N PRO A 113 -1.95 21.30 -31.00
CA PRO A 113 -2.96 21.01 -32.02
C PRO A 113 -4.38 20.86 -31.49
N PHE A 114 -5.31 21.56 -32.13
CA PHE A 114 -6.72 21.45 -31.79
C PHE A 114 -7.32 20.15 -32.34
N GLY A 115 -8.07 19.44 -31.50
CA GLY A 115 -8.82 18.26 -31.93
C GLY A 115 -7.99 17.02 -32.22
N TRP A 116 -6.79 16.97 -31.65
CA TRP A 116 -5.96 15.77 -31.70
C TRP A 116 -5.81 15.22 -30.29
N TYR A 117 -5.81 13.90 -30.14
CA TYR A 117 -5.42 13.28 -28.87
C TYR A 117 -3.93 13.41 -28.74
N LYS A 118 -3.47 13.89 -27.60
CA LYS A 118 -2.08 14.28 -27.44
C LYS A 118 -1.53 13.70 -26.17
N ALA A 119 -0.37 13.06 -26.25
CA ALA A 119 0.40 12.78 -25.05
C ALA A 119 1.05 14.10 -24.64
N PHE A 120 1.23 14.32 -23.35
CA PHE A 120 1.93 15.50 -22.89
C PHE A 120 2.64 15.28 -21.57
N LYS A 121 3.63 16.12 -21.32
CA LYS A 121 4.40 16.08 -20.08
C LYS A 121 4.49 17.50 -19.57
N ILE A 122 4.15 17.68 -18.30
CA ILE A 122 4.21 18.99 -17.66
C ILE A 122 4.81 18.88 -16.25
N SER A 123 5.54 19.91 -15.84
CA SER A 123 6.08 19.99 -14.49
C SER A 123 5.71 21.36 -13.89
N CYS A 124 4.81 21.35 -12.91
CA CYS A 124 4.37 22.57 -12.24
C CYS A 124 5.38 22.98 -11.18
N LYS A 125 5.72 24.26 -11.14
CA LYS A 125 6.74 24.77 -10.23
C LYS A 125 6.31 24.69 -8.77
N GLY A 126 5.02 24.88 -8.49
CA GLY A 126 4.48 24.65 -7.16
C GLY A 126 4.49 25.80 -6.18
N HIS A 127 4.91 26.98 -6.64
CA HIS A 127 4.81 28.18 -5.79
C HIS A 127 3.33 28.64 -5.69
N PRO A 128 3.01 29.54 -4.73
CA PRO A 128 1.61 29.94 -4.52
C PRO A 128 0.85 30.50 -5.74
N LEU A 129 1.57 31.04 -6.72
CA LEU A 129 0.92 31.52 -7.95
C LEU A 129 1.16 30.62 -9.18
N SER A 130 1.54 29.36 -8.95
CA SER A 130 1.94 28.46 -10.05
C SER A 130 0.78 27.73 -10.73
N GLU A 131 -0.38 27.70 -10.08
CA GLU A 131 -1.61 27.19 -10.71
C GLU A 131 -2.78 28.11 -10.42
N LEU A 132 -3.27 28.76 -11.47
CA LEU A 132 -4.38 29.71 -11.34
C LEU A 132 -5.49 29.39 -12.34
N SER A 133 -6.73 29.49 -11.88
CA SER A 133 -7.87 29.36 -12.77
C SER A 133 -8.56 30.69 -12.96
N ARG A 134 -8.99 30.92 -14.19
CA ARG A 134 -9.61 32.19 -14.55
C ARG A 134 -10.81 31.95 -15.41
N LYS A 135 -11.92 32.59 -15.03
CA LYS A 135 -13.07 32.71 -15.89
C LYS A 135 -12.91 34.00 -16.68
N ILE A 136 -13.12 33.93 -17.99
CA ILE A 136 -12.84 35.04 -18.87
C ILE A 136 -14.07 35.47 -19.67
N VAL A 137 -14.35 36.78 -19.67
CA VAL A 137 -15.42 37.37 -20.49
C VAL A 137 -14.80 38.26 -21.56
N ALA A 138 -15.49 38.37 -22.70
CA ALA A 138 -15.08 39.22 -23.82
C ALA A 138 -14.85 40.66 -23.37
N MET B 1 -19.67 17.06 -7.79
CA MET B 1 -18.19 16.81 -7.94
C MET B 1 -17.78 16.84 -9.41
N LYS B 2 -16.60 17.40 -9.69
CA LYS B 2 -15.98 17.31 -11.03
C LYS B 2 -14.66 16.59 -10.91
N MET B 3 -14.43 15.60 -11.79
CA MET B 3 -13.16 14.88 -11.80
C MET B 3 -12.57 14.88 -13.19
N LEU B 4 -11.26 14.99 -13.28
CA LEU B 4 -10.55 14.72 -14.51
C LEU B 4 -9.64 13.53 -14.27
N LEU B 5 -9.79 12.50 -15.11
CA LEU B 5 -9.02 11.26 -14.92
C LEU B 5 -7.99 11.10 -16.02
N ILE B 6 -6.72 11.11 -15.65
CA ILE B 6 -5.64 11.08 -16.64
C ILE B 6 -4.80 9.79 -16.52
N HIS B 7 -4.81 9.00 -17.57
CA HIS B 7 -4.02 7.78 -17.62
C HIS B 7 -2.59 8.20 -17.89
N SER B 8 -1.73 7.98 -16.89
CA SER B 8 -0.40 8.58 -16.89
C SER B 8 0.72 7.55 -16.83
N ASP B 9 1.84 7.87 -17.47
CA ASP B 9 3.07 7.09 -17.28
C ASP B 9 3.54 7.25 -15.84
N TYR B 10 3.41 8.48 -15.31
CA TYR B 10 3.70 8.75 -13.88
C TYR B 10 2.96 9.99 -13.39
N LEU B 11 2.79 10.06 -12.09
CA LEU B 11 2.48 11.30 -11.41
C LEU B 11 3.42 11.40 -10.21
N GLU B 12 4.12 12.53 -10.09
CA GLU B 12 4.96 12.81 -8.94
C GLU B 12 4.56 14.15 -8.37
N PHE B 13 4.69 14.31 -7.05
CA PHE B 13 4.42 15.61 -6.44
C PHE B 13 5.38 15.93 -5.28
N GLU B 14 5.49 17.22 -4.97
CA GLU B 14 6.28 17.67 -3.83
C GLU B 14 5.60 18.87 -3.19
N ALA B 15 5.08 18.67 -1.97
CA ALA B 15 4.46 19.76 -1.23
C ALA B 15 5.54 20.77 -0.86
N LYS B 16 5.24 22.05 -1.13
CA LYS B 16 6.24 23.09 -0.97
C LYS B 16 5.91 24.07 0.15
N GLU B 17 4.70 24.63 0.10
CA GLU B 17 4.26 25.59 1.11
C GLU B 17 2.85 25.28 1.57
N LYS B 18 2.61 25.57 2.84
CA LYS B 18 1.30 25.41 3.45
C LYS B 18 0.37 26.56 3.07
N THR B 19 -0.92 26.25 2.96
CA THR B 19 -1.97 27.27 3.05
C THR B 19 -2.53 27.22 4.47
N LYS B 20 -3.48 28.13 4.75
CA LYS B 20 -4.27 28.16 5.98
C LYS B 20 -4.88 26.81 6.38
N ILE B 21 -5.26 26.04 5.37
CA ILE B 21 -6.01 24.79 5.55
C ILE B 21 -5.20 23.54 5.20
N ALA B 22 -3.86 23.66 5.24
CA ALA B 22 -2.96 22.55 4.97
C ALA B 22 -3.22 21.42 5.95
N GLU B 23 -3.46 20.22 5.43
CA GLU B 23 -3.64 19.07 6.30
C GLU B 23 -2.31 18.71 6.95
N GLU B 24 -2.37 18.17 8.16
CA GLU B 24 -1.19 17.69 8.87
C GLU B 24 -0.88 16.28 8.40
N THR B 25 0.30 16.11 7.80
CA THR B 25 0.71 14.83 7.24
C THR B 25 2.23 14.69 7.12
N GLU B 26 2.67 13.45 6.93
CA GLU B 26 4.07 13.14 6.65
C GLU B 26 4.31 12.98 5.13
N ASN B 27 3.31 12.46 4.43
CA ASN B 27 3.40 12.21 2.98
C ASN B 27 3.34 13.51 2.17
N LEU B 28 4.48 14.19 2.09
CA LEU B 28 4.57 15.48 1.38
C LEU B 28 5.29 15.34 0.03
N LYS B 29 5.80 14.15 -0.23
CA LYS B 29 6.47 13.81 -1.48
C LYS B 29 5.97 12.43 -1.92
N GLY B 30 5.75 12.24 -3.21
CA GLY B 30 5.19 10.98 -3.68
C GLY B 30 5.26 10.79 -5.17
N LYS B 31 5.16 9.53 -5.60
CA LYS B 31 5.07 9.18 -7.01
C LYS B 31 4.37 7.84 -7.21
N LEU B 32 3.59 7.77 -8.27
CA LEU B 32 2.99 6.52 -8.74
C LEU B 32 3.16 6.45 -10.25
N ASP B 33 3.54 5.27 -10.73
CA ASP B 33 3.70 5.02 -12.15
C ASP B 33 2.46 4.35 -12.71
N GLU B 34 2.29 4.43 -14.03
CA GLU B 34 1.24 3.70 -14.74
C GLU B 34 -0.07 3.78 -13.98
N CYS B 35 -0.55 5.01 -13.82
CA CYS B 35 -1.63 5.27 -12.90
C CYS B 35 -2.74 6.07 -13.56
N LEU B 36 -3.90 6.06 -12.90
CA LEU B 36 -5.00 6.94 -13.26
C LEU B 36 -4.92 8.08 -12.25
N ALA B 37 -4.48 9.25 -12.74
CA ALA B 37 -4.36 10.44 -11.92
C ALA B 37 -5.71 11.16 -11.89
N CYS B 38 -6.31 11.19 -10.71
CA CYS B 38 -7.70 11.63 -10.57
C CYS B 38 -7.73 12.99 -9.89
N PHE B 39 -7.81 14.02 -10.72
CA PHE B 39 -7.89 15.40 -10.23
C PHE B 39 -9.33 15.71 -9.84
N ILE B 40 -9.55 16.05 -8.57
CA ILE B 40 -10.92 16.11 -8.05
C ILE B 40 -11.26 17.45 -7.41
N ALA B 41 -12.36 18.06 -7.87
CA ALA B 41 -12.93 19.24 -7.23
C ALA B 41 -14.23 18.84 -6.53
N VAL B 42 -14.27 18.98 -5.21
CA VAL B 42 -15.47 18.66 -4.44
C VAL B 42 -16.35 19.91 -4.47
N GLU B 43 -17.62 19.75 -4.81
CA GLU B 43 -18.48 20.90 -5.09
C GLU B 43 -19.53 21.15 -4.03
N ARG B 44 -20.14 22.33 -4.10
CA ARG B 44 -21.12 22.78 -3.10
C ARG B 44 -22.25 21.76 -2.95
N GLU B 45 -22.76 21.24 -4.06
CA GLU B 45 -23.82 20.22 -4.08
C GLU B 45 -23.43 18.95 -3.31
N ASP B 46 -22.13 18.67 -3.27
CA ASP B 46 -21.63 17.47 -2.59
C ASP B 46 -21.76 17.54 -1.06
N GLU B 47 -21.93 18.75 -0.52
CA GLU B 47 -22.12 18.92 0.93
C GLU B 47 -23.37 18.25 1.46
N ASN B 48 -24.39 18.13 0.61
CA ASN B 48 -25.64 17.46 0.98
C ASN B 48 -25.47 15.97 1.31
N ASN B 49 -24.46 15.32 0.71
CA ASN B 49 -24.20 13.91 0.95
C ASN B 49 -22.75 13.53 0.65
N PRO B 50 -21.84 13.89 1.58
CA PRO B 50 -20.39 13.71 1.38
C PRO B 50 -19.99 12.25 1.17
N GLU B 51 -20.47 11.35 2.03
CA GLU B 51 -20.20 9.91 1.89
C GLU B 51 -20.75 9.34 0.56
N GLY B 52 -21.95 9.75 0.19
CA GLY B 52 -22.58 9.31 -1.07
C GLY B 52 -21.81 9.79 -2.30
N THR B 53 -21.32 11.01 -2.22
CA THR B 53 -20.48 11.61 -3.26
C THR B 53 -19.19 10.79 -3.41
N ALA B 54 -18.60 10.42 -2.27
CA ALA B 54 -17.38 9.62 -2.27
C ALA B 54 -17.62 8.28 -2.93
N ILE B 55 -18.75 7.64 -2.61
CA ILE B 55 -19.09 6.34 -3.18
C ILE B 55 -19.31 6.45 -4.69
N GLY B 56 -20.05 7.48 -5.10
CA GLY B 56 -20.24 7.77 -6.53
C GLY B 56 -18.95 8.00 -7.29
N ALA B 57 -18.01 8.72 -6.67
CA ALA B 57 -16.74 9.03 -7.30
C ALA B 57 -15.92 7.74 -7.48
N VAL B 58 -15.90 6.91 -6.42
CA VAL B 58 -15.19 5.61 -6.46
C VAL B 58 -15.77 4.73 -7.57
N GLU B 59 -17.09 4.72 -7.70
CA GLU B 59 -17.73 3.92 -8.74
C GLU B 59 -17.27 4.32 -10.14
N GLU B 60 -17.16 5.63 -10.38
CA GLU B 60 -16.69 6.11 -11.68
C GLU B 60 -15.21 5.84 -11.92
N ILE B 61 -14.38 6.04 -10.88
CA ILE B 61 -12.96 5.72 -10.98
C ILE B 61 -12.77 4.23 -11.33
N GLU B 62 -13.50 3.36 -10.63
CA GLU B 62 -13.43 1.93 -10.88
C GLU B 62 -13.81 1.58 -12.33
N LYS B 63 -14.87 2.20 -12.86
CA LYS B 63 -15.30 1.97 -14.24
C LYS B 63 -14.16 2.24 -15.22
N VAL B 64 -13.44 3.33 -15.00
CA VAL B 64 -12.35 3.72 -15.89
C VAL B 64 -11.10 2.86 -15.66
N ALA B 65 -10.73 2.67 -14.39
CA ALA B 65 -9.61 1.82 -14.03
C ALA B 65 -9.78 0.40 -14.53
N ASN B 66 -11.01 -0.11 -14.49
CA ASN B 66 -11.30 -1.45 -14.97
C ASN B 66 -11.26 -1.54 -16.49
N GLN B 67 -11.72 -0.48 -17.17
CA GLN B 67 -11.68 -0.40 -18.63
C GLN B 67 -10.24 -0.36 -19.15
N LEU B 68 -9.35 0.28 -18.39
CA LEU B 68 -7.96 0.43 -18.80
C LEU B 68 -7.03 -0.56 -18.10
N LYS B 69 -7.60 -1.38 -17.23
CA LYS B 69 -6.85 -2.34 -16.41
C LYS B 69 -5.71 -1.66 -15.66
N VAL B 70 -6.06 -0.61 -14.94
CA VAL B 70 -5.10 0.14 -14.16
C VAL B 70 -5.41 -0.10 -12.68
N ASN B 71 -4.37 -0.30 -11.87
CA ASN B 71 -4.58 -0.54 -10.46
C ASN B 71 -4.06 0.57 -9.54
N ASN B 72 -3.13 1.36 -10.07
CA ASN B 72 -2.54 2.50 -9.38
C ASN B 72 -3.42 3.73 -9.57
N ILE B 73 -3.86 4.32 -8.46
CA ILE B 73 -4.71 5.50 -8.50
C ILE B 73 -4.09 6.64 -7.69
N VAL B 74 -4.10 7.84 -8.25
CA VAL B 74 -3.71 9.03 -7.52
C VAL B 74 -4.95 9.89 -7.27
N VAL B 75 -5.24 10.14 -6.00
CA VAL B 75 -6.29 11.07 -5.62
C VAL B 75 -5.64 12.44 -5.46
N TYR B 76 -5.91 13.36 -6.39
CA TYR B 76 -5.24 14.67 -6.39
C TYR B 76 -6.29 15.77 -6.21
N PRO B 77 -6.30 16.46 -5.05
CA PRO B 77 -7.25 17.55 -4.84
C PRO B 77 -6.99 18.65 -5.87
N TYR B 78 -8.02 19.05 -6.61
CA TYR B 78 -7.85 20.03 -7.68
C TYR B 78 -9.06 20.96 -7.80
N ALA B 79 -9.08 21.95 -6.92
CA ALA B 79 -10.20 22.91 -6.85
C ALA B 79 -10.48 23.59 -8.18
N HIS B 80 -9.44 23.74 -9.01
CA HIS B 80 -9.52 24.46 -10.30
C HIS B 80 -10.58 23.95 -11.26
N LEU B 81 -10.93 22.67 -11.15
CA LEU B 81 -11.89 22.07 -12.07
C LEU B 81 -13.30 22.61 -11.91
N SER B 82 -13.60 23.23 -10.77
CA SER B 82 -14.95 23.68 -10.50
C SER B 82 -15.03 25.10 -9.98
N SER B 83 -16.03 25.82 -10.44
CA SER B 83 -16.28 27.20 -10.00
C SER B 83 -17.29 27.26 -8.85
N ASP B 84 -17.75 26.09 -8.38
CA ASP B 84 -18.77 26.03 -7.33
C ASP B 84 -18.37 25.03 -6.23
N LEU B 85 -17.39 25.43 -5.42
CA LEU B 85 -16.70 24.53 -4.50
C LEU B 85 -17.42 24.32 -3.16
N SER B 86 -17.19 23.15 -2.56
CA SER B 86 -17.62 22.88 -1.19
C SER B 86 -16.66 23.55 -0.24
N SER B 87 -16.97 23.51 1.05
CA SER B 87 -16.04 23.95 2.08
C SER B 87 -14.77 23.11 2.06
N PRO B 88 -13.64 23.67 2.55
CA PRO B 88 -12.40 22.89 2.58
C PRO B 88 -12.56 21.63 3.41
N GLU B 89 -13.19 21.75 4.57
CA GLU B 89 -13.34 20.62 5.48
C GLU B 89 -14.13 19.49 4.80
N THR B 90 -15.18 19.84 4.06
CA THR B 90 -15.95 18.86 3.30
C THR B 90 -15.05 18.18 2.26
N ALA B 91 -14.31 19.00 1.52
CA ALA B 91 -13.45 18.49 0.45
C ALA B 91 -12.46 17.42 0.95
N VAL B 92 -11.69 17.71 2.01
CA VAL B 92 -10.72 16.72 2.57
C VAL B 92 -11.38 15.42 3.01
N LYS B 93 -12.52 15.54 3.67
CA LYS B 93 -13.30 14.38 4.09
C LYS B 93 -13.61 13.49 2.91
N VAL B 94 -14.15 14.09 1.85
CA VAL B 94 -14.57 13.33 0.67
C VAL B 94 -13.36 12.72 -0.02
N LEU B 95 -12.28 13.50 -0.11
CA LEU B 95 -11.06 12.99 -0.73
C LEU B 95 -10.47 11.84 0.07
N LYS B 96 -10.48 11.97 1.39
CA LYS B 96 -9.97 10.92 2.28
C LYS B 96 -10.82 9.65 2.17
N ASP B 97 -12.14 9.84 2.06
CA ASP B 97 -13.06 8.72 1.82
C ASP B 97 -12.84 7.99 0.50
N ILE B 98 -12.69 8.75 -0.58
CA ILE B 98 -12.36 8.14 -1.87
C ILE B 98 -11.11 7.25 -1.77
N GLU B 99 -10.07 7.78 -1.13
CA GLU B 99 -8.83 7.03 -0.92
C GLU B 99 -9.05 5.76 -0.10
N SER B 100 -9.76 5.87 1.03
CA SER B 100 -9.96 4.69 1.90
C SER B 100 -10.84 3.61 1.26
N ILE B 101 -11.88 4.02 0.54
CA ILE B 101 -12.75 3.08 -0.16
C ILE B 101 -12.02 2.40 -1.33
N LEU B 102 -11.25 3.16 -2.11
CA LEU B 102 -10.45 2.53 -3.19
C LEU B 102 -9.49 1.49 -2.63
N LYS B 103 -8.85 1.82 -1.51
CA LYS B 103 -7.96 0.88 -0.82
C LYS B 103 -8.67 -0.41 -0.41
N GLU B 104 -9.87 -0.28 0.16
CA GLU B 104 -10.60 -1.47 0.60
C GLU B 104 -11.10 -2.31 -0.59
N ARG B 105 -11.14 -1.68 -1.76
CA ARG B 105 -11.52 -2.37 -3.00
C ARG B 105 -10.32 -2.81 -3.82
N GLY B 106 -9.13 -2.76 -3.24
CA GLY B 106 -7.95 -3.40 -3.84
C GLY B 106 -7.06 -2.57 -4.73
N TYR B 107 -7.30 -1.26 -4.77
CA TYR B 107 -6.47 -0.34 -5.56
C TYR B 107 -5.26 0.14 -4.79
N ASN B 108 -4.14 0.34 -5.51
CA ASN B 108 -2.97 1.00 -4.94
C ASN B 108 -3.18 2.52 -5.06
N VAL B 109 -3.36 3.19 -3.93
CA VAL B 109 -3.73 4.61 -3.93
C VAL B 109 -2.64 5.46 -3.31
N LEU B 110 -2.37 6.59 -3.95
CA LEU B 110 -1.56 7.65 -3.38
C LEU B 110 -2.40 8.91 -3.40
N ARG B 111 -2.55 9.53 -2.24
CA ARG B 111 -3.29 10.79 -2.16
C ARG B 111 -2.33 11.94 -1.91
N ALA B 112 -2.40 12.95 -2.78
CA ALA B 112 -1.59 14.15 -2.62
C ALA B 112 -2.17 14.99 -1.48
N PRO B 113 -1.29 15.59 -0.66
CA PRO B 113 -1.71 16.35 0.53
C PRO B 113 -2.64 17.51 0.20
N PHE B 114 -3.66 17.64 1.05
CA PHE B 114 -4.67 18.67 0.88
C PHE B 114 -4.22 19.99 1.51
N GLY B 115 -4.38 21.07 0.77
CA GLY B 115 -4.16 22.42 1.30
C GLY B 115 -2.71 22.87 1.25
N TRP B 116 -1.89 22.12 0.52
CA TRP B 116 -0.50 22.49 0.30
C TRP B 116 -0.35 22.92 -1.15
N TYR B 117 0.47 23.94 -1.38
CA TYR B 117 0.96 24.22 -2.71
C TYR B 117 1.97 23.14 -3.05
N LYS B 118 1.77 22.49 -4.20
CA LYS B 118 2.62 21.38 -4.58
C LYS B 118 3.20 21.57 -5.97
N ALA B 119 4.49 21.29 -6.10
CA ALA B 119 5.07 21.06 -7.41
C ALA B 119 4.59 19.68 -7.83
N PHE B 120 4.38 19.47 -9.12
CA PHE B 120 4.09 18.13 -9.61
C PHE B 120 4.59 17.91 -11.02
N LYS B 121 4.73 16.65 -11.39
CA LYS B 121 5.10 16.26 -12.74
C LYS B 121 4.13 15.17 -13.16
N ILE B 122 3.69 15.24 -14.41
CA ILE B 122 2.79 14.22 -14.96
C ILE B 122 3.15 13.96 -16.42
N SER B 123 2.89 12.75 -16.87
CA SER B 123 3.03 12.40 -18.28
C SER B 123 1.77 11.66 -18.72
N CYS B 124 0.96 12.30 -19.55
CA CYS B 124 -0.30 11.74 -20.04
C CYS B 124 -0.02 10.89 -21.27
N LYS B 125 -0.59 9.69 -21.30
CA LYS B 125 -0.36 8.73 -22.39
C LYS B 125 -0.94 9.17 -23.75
N GLY B 126 -1.98 9.99 -23.73
CA GLY B 126 -2.44 10.56 -25.01
C GLY B 126 -3.29 9.70 -25.94
N HIS B 127 -3.59 8.47 -25.54
CA HIS B 127 -4.58 7.64 -26.27
C HIS B 127 -6.01 8.19 -26.08
N PRO B 128 -6.99 7.73 -26.89
CA PRO B 128 -8.30 8.37 -26.85
C PRO B 128 -9.05 8.28 -25.52
N LEU B 129 -8.66 7.36 -24.64
CA LEU B 129 -9.29 7.26 -23.32
C LEU B 129 -8.39 7.72 -22.17
N SER B 130 -7.36 8.50 -22.47
CA SER B 130 -6.36 8.88 -21.47
C SER B 130 -6.71 10.13 -20.67
N GLU B 131 -7.72 10.89 -21.13
CA GLU B 131 -8.15 12.12 -20.47
C GLU B 131 -9.67 12.19 -20.51
N LEU B 132 -10.28 11.88 -19.38
CA LEU B 132 -11.71 11.78 -19.30
C LEU B 132 -12.23 12.67 -18.17
N SER B 133 -13.31 13.39 -18.44
CA SER B 133 -13.91 14.17 -17.37
C SER B 133 -15.28 13.58 -17.00
N ARG B 134 -15.57 13.63 -15.70
CA ARG B 134 -16.82 13.09 -15.17
C ARG B 134 -17.47 14.03 -14.17
N LYS B 135 -18.78 14.16 -14.27
CA LYS B 135 -19.61 14.78 -13.23
C LYS B 135 -20.12 13.66 -12.32
N ILE B 136 -19.99 13.86 -11.02
CA ILE B 136 -20.51 12.93 -10.02
C ILE B 136 -21.59 13.64 -9.19
N VAL B 137 -22.73 12.98 -9.00
CA VAL B 137 -23.89 13.64 -8.38
C VAL B 137 -24.26 13.10 -6.98
N ALA B 138 -24.33 11.77 -6.84
CA ALA B 138 -24.79 11.10 -5.62
C ALA B 138 -26.29 11.29 -5.35
N MET C 1 -1.20 -7.94 9.37
CA MET C 1 -0.01 -8.83 9.36
C MET C 1 0.31 -9.30 10.77
N LYS C 2 0.65 -10.59 10.90
CA LYS C 2 1.15 -11.15 12.15
C LYS C 2 2.62 -11.48 11.91
N MET C 3 3.51 -10.97 12.74
CA MET C 3 4.94 -11.28 12.62
C MET C 3 5.53 -11.77 13.94
N LEU C 4 6.36 -12.80 13.85
CA LEU C 4 7.11 -13.30 15.01
C LEU C 4 8.60 -13.15 14.70
N LEU C 5 9.28 -12.32 15.49
CA LEU C 5 10.70 -12.02 15.26
C LEU C 5 11.52 -12.77 16.31
N ILE C 6 12.38 -13.66 15.86
CA ILE C 6 13.17 -14.46 16.76
C ILE C 6 14.64 -14.11 16.56
N HIS C 7 15.28 -13.63 17.62
CA HIS C 7 16.71 -13.32 17.60
C HIS C 7 17.45 -14.63 17.75
N SER C 8 18.17 -15.02 16.70
CA SER C 8 18.69 -16.38 16.59
C SER C 8 20.20 -16.42 16.40
N ASP C 9 20.82 -17.48 16.97
CA ASP C 9 22.22 -17.76 16.70
C ASP C 9 22.40 -18.13 15.24
N TYR C 10 21.36 -18.76 14.67
CA TYR C 10 21.35 -19.14 13.26
C TYR C 10 19.95 -19.54 12.84
N LEU C 11 19.73 -19.46 11.54
CA LEU C 11 18.58 -20.06 10.91
C LEU C 11 19.02 -20.75 9.63
N GLU C 12 18.66 -22.02 9.50
CA GLU C 12 18.92 -22.77 8.29
C GLU C 12 17.59 -23.27 7.77
N PHE C 13 17.43 -23.30 6.45
CA PHE C 13 16.28 -23.98 5.88
C PHE C 13 16.63 -24.76 4.62
N GLU C 14 15.75 -25.71 4.28
CA GLU C 14 15.84 -26.46 3.04
C GLU C 14 14.46 -26.79 2.53
N ALA C 15 14.15 -26.25 1.34
CA ALA C 15 12.89 -26.55 0.68
C ALA C 15 12.93 -27.97 0.15
N LYS C 16 11.83 -28.69 0.32
CA LYS C 16 11.80 -30.10 0.00
C LYS C 16 10.72 -30.37 -1.04
N GLU C 17 9.46 -30.36 -0.60
CA GLU C 17 8.35 -30.60 -1.52
C GLU C 17 7.58 -29.31 -1.81
N LYS C 18 6.90 -29.27 -2.95
CA LYS C 18 6.05 -28.15 -3.34
C LYS C 18 4.61 -28.31 -2.86
N THR C 19 4.00 -27.21 -2.44
CA THR C 19 2.55 -27.16 -2.31
C THR C 19 2.01 -26.73 -3.67
N LYS C 20 0.69 -26.71 -3.81
CA LYS C 20 0.08 -26.32 -5.09
C LYS C 20 0.14 -24.80 -5.35
N ILE C 21 0.60 -24.04 -4.36
CA ILE C 21 0.83 -22.60 -4.56
C ILE C 21 2.30 -22.23 -4.38
N ALA C 22 3.19 -23.19 -4.67
CA ALA C 22 4.62 -22.96 -4.61
C ALA C 22 5.06 -21.84 -5.54
N GLU C 23 5.90 -20.96 -5.01
CA GLU C 23 6.50 -19.85 -5.73
C GLU C 23 7.82 -20.32 -6.39
N GLU C 24 8.18 -19.70 -7.50
CA GLU C 24 9.50 -19.92 -8.11
C GLU C 24 10.54 -19.34 -7.20
N THR C 25 11.67 -20.02 -7.03
CA THR C 25 12.71 -19.54 -6.13
C THR C 25 14.13 -19.84 -6.61
N GLU C 26 15.06 -18.99 -6.19
CA GLU C 26 16.50 -19.21 -6.38
C GLU C 26 17.19 -19.45 -5.03
N ASN C 27 16.40 -19.76 -4.01
CA ASN C 27 16.94 -20.06 -2.69
C ASN C 27 16.25 -21.30 -2.14
N LEU C 28 16.51 -22.45 -2.75
CA LEU C 28 15.96 -23.71 -2.22
C LEU C 28 16.52 -24.02 -0.83
N LYS C 29 17.76 -23.62 -0.59
CA LYS C 29 18.39 -23.81 0.71
C LYS C 29 19.06 -22.52 1.13
N GLY C 30 19.18 -22.28 2.44
CA GLY C 30 19.80 -21.07 2.93
C GLY C 30 20.19 -21.14 4.39
N LYS C 31 21.13 -20.29 4.78
CA LYS C 31 21.50 -20.15 6.18
C LYS C 31 21.99 -18.73 6.48
N LEU C 32 21.56 -18.20 7.61
CA LEU C 32 22.10 -16.95 8.16
C LEU C 32 22.41 -17.11 9.63
N ASP C 33 23.61 -16.69 10.00
CA ASP C 33 24.01 -16.67 11.40
C ASP C 33 23.63 -15.32 12.01
N GLU C 34 23.56 -15.29 13.34
CA GLU C 34 23.31 -14.06 14.09
C GLU C 34 22.25 -13.16 13.45
N CYS C 35 21.04 -13.70 13.37
CA CYS C 35 20.00 -13.08 12.58
C CYS C 35 18.73 -12.89 13.38
N LEU C 36 17.85 -12.07 12.80
CA LEU C 36 16.50 -11.91 13.25
C LEU C 36 15.61 -12.67 12.27
N ALA C 37 15.06 -13.80 12.72
CA ALA C 37 14.21 -14.61 11.88
C ALA C 37 12.76 -14.14 12.03
N CYS C 38 12.23 -13.61 10.92
CA CYS C 38 10.93 -12.96 10.92
C CYS C 38 9.92 -13.84 10.21
N PHE C 39 9.15 -14.57 11.01
CA PHE C 39 8.10 -15.44 10.51
C PHE C 39 6.86 -14.59 10.30
N ILE C 40 6.32 -14.60 9.09
CA ILE C 40 5.32 -13.61 8.70
C ILE C 40 4.08 -14.24 8.09
N ALA C 41 2.92 -13.89 8.63
CA ALA C 41 1.64 -14.25 8.02
C ALA C 41 1.01 -12.99 7.45
N VAL C 42 0.89 -12.94 6.13
CA VAL C 42 0.26 -11.82 5.47
C VAL C 42 -1.26 -11.99 5.61
N GLU C 43 -1.91 -10.97 6.19
CA GLU C 43 -3.30 -11.08 6.62
C GLU C 43 -4.26 -10.35 5.71
N ARG C 44 -5.52 -10.77 5.80
CA ARG C 44 -6.60 -10.19 5.02
C ARG C 44 -6.57 -8.66 4.95
N GLU C 45 -6.41 -8.00 6.10
CA GLU C 45 -6.43 -6.54 6.17
C GLU C 45 -5.22 -5.87 5.49
N ASP C 46 -4.12 -6.62 5.33
CA ASP C 46 -2.93 -6.13 4.60
C ASP C 46 -3.23 -5.87 3.12
N GLU C 47 -4.28 -6.49 2.62
CA GLU C 47 -4.73 -6.26 1.25
C GLU C 47 -5.22 -4.83 0.99
N ASN C 48 -5.54 -4.09 2.05
CA ASN C 48 -5.95 -2.68 1.91
C ASN C 48 -4.85 -1.76 1.43
N ASN C 49 -3.63 -2.04 1.84
CA ASN C 49 -2.48 -1.27 1.42
C ASN C 49 -1.27 -2.20 1.51
N PRO C 50 -1.08 -3.07 0.50
CA PRO C 50 0.00 -4.06 0.61
C PRO C 50 1.39 -3.41 0.69
N GLU C 51 1.58 -2.36 -0.12
CA GLU C 51 2.82 -1.59 -0.14
C GLU C 51 3.07 -0.93 1.22
N GLY C 52 2.03 -0.28 1.75
CA GLY C 52 2.05 0.29 3.10
C GLY C 52 2.33 -0.73 4.18
N THR C 53 1.75 -1.92 4.04
CA THR C 53 1.95 -3.01 5.00
C THR C 53 3.41 -3.45 5.04
N ALA C 54 4.01 -3.57 3.85
CA ALA C 54 5.41 -3.96 3.75
C ALA C 54 6.32 -2.94 4.44
N ILE C 55 6.00 -1.66 4.25
CA ILE C 55 6.76 -0.57 4.87
C ILE C 55 6.61 -0.65 6.37
N GLY C 56 5.37 -0.81 6.83
CA GLY C 56 5.06 -0.96 8.25
C GLY C 56 5.81 -2.11 8.88
N ALA C 57 5.82 -3.25 8.19
CA ALA C 57 6.56 -4.43 8.64
C ALA C 57 8.06 -4.15 8.74
N VAL C 58 8.64 -3.54 7.70
CA VAL C 58 10.06 -3.16 7.73
C VAL C 58 10.39 -2.18 8.88
N GLU C 59 9.50 -1.22 9.12
CA GLU C 59 9.68 -0.30 10.25
C GLU C 59 9.73 -1.02 11.60
N GLU C 60 8.85 -1.99 11.79
CA GLU C 60 8.86 -2.82 13.00
C GLU C 60 10.13 -3.65 13.12
N ILE C 61 10.51 -4.30 12.01
CA ILE C 61 11.73 -5.09 11.98
C ILE C 61 12.94 -4.21 12.33
N GLU C 62 13.01 -3.02 11.71
CA GLU C 62 14.09 -2.07 11.98
C GLU C 62 14.17 -1.61 13.42
N LYS C 63 13.01 -1.36 14.03
CA LYS C 63 12.92 -0.98 15.45
C LYS C 63 13.59 -2.01 16.35
N VAL C 64 13.26 -3.28 16.13
CA VAL C 64 13.83 -4.41 16.87
C VAL C 64 15.31 -4.59 16.52
N ALA C 65 15.64 -4.54 15.23
CA ALA C 65 17.03 -4.76 14.82
C ALA C 65 17.95 -3.66 15.35
N ASN C 66 17.42 -2.45 15.48
CA ASN C 66 18.15 -1.33 16.10
C ASN C 66 18.27 -1.35 17.62
N GLN C 67 17.50 -2.21 18.28
CA GLN C 67 17.67 -2.46 19.72
C GLN C 67 18.68 -3.59 19.91
N LEU C 68 18.51 -4.63 19.10
CA LEU C 68 19.31 -5.85 19.22
C LEU C 68 20.63 -5.77 18.48
N LYS C 69 20.72 -4.82 17.55
CA LYS C 69 21.91 -4.56 16.72
C LYS C 69 22.21 -5.75 15.83
N VAL C 70 21.18 -6.19 15.12
CA VAL C 70 21.31 -7.31 14.21
C VAL C 70 21.36 -6.76 12.78
N ASN C 71 22.24 -7.33 11.96
CA ASN C 71 22.44 -6.94 10.56
C ASN C 71 21.85 -7.94 9.55
N ASN C 72 21.53 -9.13 10.04
CA ASN C 72 21.07 -10.24 9.22
C ASN C 72 19.62 -10.56 9.51
N ILE C 73 18.80 -10.59 8.46
CA ILE C 73 17.36 -10.80 8.59
C ILE C 73 16.89 -11.94 7.69
N VAL C 74 16.10 -12.86 8.26
CA VAL C 74 15.42 -13.88 7.45
C VAL C 74 13.95 -13.50 7.33
N VAL C 75 13.46 -13.46 6.09
CA VAL C 75 12.05 -13.25 5.80
C VAL C 75 11.45 -14.62 5.54
N TYR C 76 10.59 -15.08 6.45
CA TYR C 76 10.16 -16.50 6.45
C TYR C 76 8.65 -16.60 6.42
N PRO C 77 8.07 -16.92 5.24
CA PRO C 77 6.62 -16.99 5.14
C PRO C 77 6.08 -18.03 6.10
N TYR C 78 5.03 -17.68 6.84
CA TYR C 78 4.56 -18.57 7.88
C TYR C 78 3.08 -18.32 8.14
N ALA C 79 2.24 -18.96 7.33
CA ALA C 79 0.80 -18.75 7.36
C ALA C 79 0.17 -19.19 8.69
N HIS C 80 0.83 -20.13 9.36
CA HIS C 80 0.31 -20.72 10.59
C HIS C 80 0.13 -19.70 11.73
N LEU C 81 0.74 -18.52 11.60
CA LEU C 81 0.64 -17.49 12.61
C LEU C 81 -0.72 -16.78 12.67
N SER C 82 -1.52 -16.91 11.62
CA SER C 82 -2.83 -16.27 11.58
C SER C 82 -3.88 -17.19 10.99
N SER C 83 -5.13 -17.00 11.37
CA SER C 83 -6.24 -17.73 10.75
C SER C 83 -6.96 -16.83 9.75
N ASP C 84 -6.50 -15.58 9.64
CA ASP C 84 -7.16 -14.60 8.78
C ASP C 84 -6.28 -14.12 7.60
N LEU C 85 -5.97 -15.04 6.69
CA LEU C 85 -4.91 -14.82 5.70
C LEU C 85 -5.33 -14.01 4.48
N SER C 86 -4.35 -13.30 3.90
CA SER C 86 -4.52 -12.66 2.61
C SER C 86 -4.54 -13.73 1.51
N SER C 87 -4.80 -13.29 0.29
CA SER C 87 -4.67 -14.14 -0.90
C SER C 87 -3.20 -14.50 -1.07
N PRO C 88 -2.91 -15.68 -1.66
CA PRO C 88 -1.50 -16.01 -1.88
C PRO C 88 -0.79 -15.00 -2.78
N GLU C 89 -1.51 -14.46 -3.76
CA GLU C 89 -0.94 -13.48 -4.67
C GLU C 89 -0.41 -12.25 -3.94
N THR C 90 -1.21 -11.69 -3.05
CA THR C 90 -0.80 -10.52 -2.27
C THR C 90 0.27 -10.89 -1.23
N ALA C 91 0.10 -12.04 -0.58
CA ALA C 91 1.11 -12.52 0.37
C ALA C 91 2.49 -12.51 -0.28
N VAL C 92 2.61 -13.13 -1.46
CA VAL C 92 3.87 -13.13 -2.20
C VAL C 92 4.40 -11.72 -2.47
N LYS C 93 3.53 -10.81 -2.92
CA LYS C 93 3.93 -9.43 -3.21
C LYS C 93 4.47 -8.75 -1.95
N VAL C 94 3.75 -8.91 -0.84
CA VAL C 94 4.13 -8.26 0.40
C VAL C 94 5.48 -8.78 0.88
N LEU C 95 5.66 -10.10 0.85
CA LEU C 95 6.92 -10.71 1.29
C LEU C 95 8.10 -10.28 0.44
N LYS C 96 7.88 -10.17 -0.87
CA LYS C 96 8.93 -9.72 -1.78
C LYS C 96 9.32 -8.27 -1.49
N ASP C 97 8.32 -7.41 -1.29
CA ASP C 97 8.56 -6.02 -0.93
C ASP C 97 9.38 -5.87 0.38
N ILE C 98 9.01 -6.64 1.40
CA ILE C 98 9.75 -6.61 2.67
C ILE C 98 11.23 -6.93 2.43
N GLU C 99 11.50 -7.98 1.63
CA GLU C 99 12.87 -8.34 1.27
C GLU C 99 13.60 -7.20 0.55
N SER C 100 12.95 -6.60 -0.46
CA SER C 100 13.57 -5.53 -1.24
C SER C 100 13.88 -4.29 -0.41
N ILE C 101 12.95 -3.91 0.47
CA ILE C 101 13.12 -2.71 1.29
C ILE C 101 14.24 -2.91 2.32
N LEU C 102 14.26 -4.07 2.98
CA LEU C 102 15.36 -4.39 3.89
C LEU C 102 16.74 -4.37 3.19
N LYS C 103 16.79 -4.89 1.96
CA LYS C 103 18.01 -4.87 1.17
C LYS C 103 18.46 -3.43 0.85
N GLU C 104 17.48 -2.60 0.50
CA GLU C 104 17.70 -1.17 0.23
C GLU C 104 18.22 -0.44 1.48
N ARG C 105 17.80 -0.89 2.65
CA ARG C 105 18.20 -0.26 3.91
C ARG C 105 19.44 -0.85 4.58
N GLY C 106 20.19 -1.66 3.84
CA GLY C 106 21.51 -2.12 4.29
C GLY C 106 21.52 -3.34 5.18
N TYR C 107 20.50 -4.18 5.07
CA TYR C 107 20.50 -5.46 5.79
C TYR C 107 20.92 -6.58 4.87
N ASN C 108 21.55 -7.60 5.44
CA ASN C 108 21.78 -8.85 4.75
C ASN C 108 20.50 -9.66 4.90
N VAL C 109 19.79 -9.90 3.79
CA VAL C 109 18.47 -10.54 3.85
C VAL C 109 18.45 -11.89 3.14
N LEU C 110 17.79 -12.85 3.76
CA LEU C 110 17.50 -14.12 3.13
C LEU C 110 16.00 -14.37 3.23
N ARG C 111 15.35 -14.62 2.09
CA ARG C 111 13.90 -14.91 2.09
C ARG C 111 13.65 -16.37 1.70
N ALA C 112 13.00 -17.10 2.61
CA ALA C 112 12.67 -18.50 2.42
C ALA C 112 11.53 -18.66 1.41
N PRO C 113 11.54 -19.78 0.64
CA PRO C 113 10.57 -19.95 -0.43
C PRO C 113 9.12 -20.04 0.02
N PHE C 114 8.27 -19.33 -0.71
CA PHE C 114 6.83 -19.31 -0.46
C PHE C 114 6.18 -20.55 -1.05
N GLY C 115 5.41 -21.26 -0.23
CA GLY C 115 4.54 -22.33 -0.72
C GLY C 115 5.27 -23.62 -0.95
N TRP C 116 6.43 -23.76 -0.29
CA TRP C 116 7.19 -25.00 -0.25
C TRP C 116 7.22 -25.52 1.17
N TYR C 117 7.18 -26.84 1.32
CA TYR C 117 7.46 -27.50 2.58
C TYR C 117 8.97 -27.44 2.85
N LYS C 118 9.35 -26.98 4.04
CA LYS C 118 10.74 -26.71 4.34
C LYS C 118 11.18 -27.34 5.66
N ALA C 119 12.34 -27.98 5.64
CA ALA C 119 13.03 -28.33 6.88
C ALA C 119 13.69 -27.05 7.35
N PHE C 120 13.81 -26.85 8.67
CA PHE C 120 14.55 -25.69 9.16
C PHE C 120 15.18 -25.95 10.51
N LYS C 121 16.16 -25.11 10.83
CA LYS C 121 16.81 -25.17 12.13
C LYS C 121 16.92 -23.77 12.64
N ILE C 122 16.61 -23.59 13.91
CA ILE C 122 16.73 -22.31 14.55
C ILE C 122 17.22 -22.51 15.99
N SER C 123 17.92 -21.51 16.48
CA SER C 123 18.38 -21.43 17.86
C SER C 123 18.02 -20.04 18.42
N CYS C 124 16.98 -19.98 19.24
CA CYS C 124 16.56 -18.69 19.82
C CYS C 124 17.45 -18.37 21.00
N LYS C 125 17.94 -17.14 21.06
CA LYS C 125 18.89 -16.72 22.11
C LYS C 125 18.31 -16.68 23.53
N GLY C 126 17.00 -16.49 23.64
CA GLY C 126 16.33 -16.59 24.93
C GLY C 126 16.34 -15.42 25.87
N HIS C 127 16.98 -14.31 25.48
CA HIS C 127 16.87 -13.06 26.24
C HIS C 127 15.44 -12.47 26.15
N PRO C 128 15.10 -11.49 27.01
CA PRO C 128 13.71 -11.00 27.06
C PRO C 128 13.14 -10.42 25.76
N LEU C 129 14.01 -10.00 24.85
CA LEU C 129 13.59 -9.45 23.57
C LEU C 129 13.90 -10.40 22.40
N SER C 130 14.15 -11.67 22.71
CA SER C 130 14.53 -12.66 21.68
C SER C 130 13.36 -13.34 20.94
N GLU C 131 12.13 -13.06 21.34
CA GLU C 131 10.94 -13.74 20.83
C GLU C 131 9.73 -12.83 20.91
N LEU C 132 9.57 -12.01 19.89
CA LEU C 132 8.56 -10.94 19.93
C LEU C 132 7.55 -11.16 18.82
N SER C 133 6.27 -11.02 19.16
CA SER C 133 5.24 -11.04 18.11
C SER C 133 4.59 -9.67 18.00
N ARG C 134 4.27 -9.29 16.76
CA ARG C 134 3.77 -7.96 16.46
C ARG C 134 2.61 -8.07 15.49
N LYS C 135 1.53 -7.34 15.80
CA LYS C 135 0.43 -7.11 14.86
C LYS C 135 0.76 -5.85 14.07
N ILE C 136 0.81 -5.97 12.75
CA ILE C 136 1.31 -4.90 11.91
C ILE C 136 0.18 -4.47 10.97
N VAL C 137 -0.05 -3.17 10.85
CA VAL C 137 -1.05 -2.69 9.89
C VAL C 137 -0.46 -1.56 9.05
N MET D 1 -8.50 -22.56 20.93
CA MET D 1 -7.04 -22.81 21.07
C MET D 1 -6.43 -22.94 19.67
N LYS D 2 -5.21 -22.45 19.51
CA LYS D 2 -4.48 -22.65 18.27
C LYS D 2 -3.20 -23.41 18.62
N MET D 3 -2.88 -24.45 17.84
CA MET D 3 -1.58 -25.10 18.00
C MET D 3 -0.82 -25.36 16.70
N LEU D 4 0.50 -25.42 16.83
CA LEU D 4 1.42 -25.67 15.75
C LEU D 4 2.21 -26.90 16.15
N LEU D 5 2.06 -27.98 15.37
CA LEU D 5 2.69 -29.27 15.67
C LEU D 5 3.86 -29.50 14.73
N ILE D 6 5.06 -29.55 15.28
CA ILE D 6 6.25 -29.58 14.44
C ILE D 6 6.99 -30.88 14.71
N HIS D 7 7.07 -31.71 13.69
CA HIS D 7 7.79 -32.99 13.79
C HIS D 7 9.27 -32.69 13.69
N SER D 8 9.98 -32.96 14.78
CA SER D 8 11.33 -32.47 14.96
C SER D 8 12.35 -33.57 15.25
N ASP D 9 13.56 -33.38 14.72
CA ASP D 9 14.73 -34.17 15.09
C ASP D 9 15.01 -34.02 16.58
N TYR D 10 14.79 -32.81 17.10
CA TYR D 10 14.97 -32.51 18.52
C TYR D 10 14.31 -31.19 18.86
N LEU D 11 13.94 -31.05 20.13
CA LEU D 11 13.63 -29.75 20.69
C LEU D 11 14.39 -29.64 21.99
N GLU D 12 15.17 -28.58 22.10
CA GLU D 12 15.92 -28.29 23.31
C GLU D 12 15.51 -26.91 23.82
N PHE D 13 15.36 -26.77 25.13
CA PHE D 13 15.10 -25.47 25.72
C PHE D 13 15.88 -25.25 27.03
N GLU D 14 16.14 -24.00 27.35
CA GLU D 14 16.77 -23.62 28.62
C GLU D 14 16.22 -22.26 29.09
N ALA D 15 15.58 -22.27 30.26
CA ALA D 15 15.06 -21.05 30.87
C ALA D 15 16.20 -20.10 31.22
N LYS D 16 16.04 -18.82 30.90
CA LYS D 16 17.12 -17.83 31.06
C LYS D 16 16.78 -16.72 32.05
N GLU D 17 15.52 -16.31 32.05
CA GLU D 17 15.05 -15.24 32.92
C GLU D 17 13.57 -15.37 33.24
N LYS D 18 13.21 -15.03 34.47
CA LYS D 18 11.81 -15.03 34.95
C LYS D 18 11.02 -13.81 34.49
N THR D 19 9.78 -14.04 34.05
CA THR D 19 8.79 -12.97 34.02
C THR D 19 8.13 -12.94 35.41
N LYS D 20 7.25 -11.98 35.66
CA LYS D 20 6.54 -11.91 36.94
C LYS D 20 5.67 -13.12 37.30
N ILE D 21 5.40 -14.00 36.34
CA ILE D 21 4.62 -15.21 36.60
C ILE D 21 5.38 -16.52 36.36
N ALA D 22 6.71 -16.44 36.49
CA ALA D 22 7.58 -17.59 36.28
C ALA D 22 7.24 -18.77 37.17
N GLU D 23 6.81 -19.85 36.51
CA GLU D 23 6.56 -21.13 37.13
C GLU D 23 7.81 -21.59 37.91
N GLU D 24 7.60 -22.21 39.06
CA GLU D 24 8.69 -22.54 39.96
C GLU D 24 8.82 -24.05 40.25
N THR D 25 7.94 -24.85 39.65
CA THR D 25 7.85 -26.30 39.94
C THR D 25 8.07 -27.22 38.71
N GLU D 26 8.44 -26.61 37.58
CA GLU D 26 8.62 -27.33 36.31
C GLU D 26 10.09 -27.26 35.89
N ASN D 27 10.57 -28.31 35.20
CA ASN D 27 11.95 -28.34 34.71
C ASN D 27 12.33 -27.07 33.97
N LEU D 28 13.56 -26.60 34.18
CA LEU D 28 14.01 -25.34 33.61
C LEU D 28 14.85 -25.55 32.35
N LYS D 29 15.27 -26.80 32.15
CA LYS D 29 16.04 -27.22 30.98
C LYS D 29 15.44 -28.54 30.53
N GLY D 30 15.51 -28.82 29.24
CA GLY D 30 14.95 -30.07 28.72
C GLY D 30 15.29 -30.26 27.27
N LYS D 31 15.36 -31.52 26.87
CA LYS D 31 15.60 -31.90 25.48
C LYS D 31 14.91 -33.21 25.17
N LEU D 32 14.25 -33.27 24.02
CA LEU D 32 13.69 -34.50 23.47
C LEU D 32 14.08 -34.62 22.01
N ASP D 33 14.50 -35.81 21.62
CA ASP D 33 14.75 -36.15 20.24
C ASP D 33 13.45 -36.67 19.64
N GLU D 34 13.38 -36.68 18.31
CA GLU D 34 12.35 -37.41 17.61
C GLU D 34 10.98 -37.16 18.21
N CYS D 35 10.57 -35.90 18.22
CA CYS D 35 9.39 -35.47 18.95
C CYS D 35 8.42 -34.68 18.11
N LEU D 36 7.20 -34.57 18.63
CA LEU D 36 6.24 -33.61 18.08
C LEU D 36 6.24 -32.44 19.06
N ALA D 37 6.81 -31.31 18.63
CA ALA D 37 6.88 -30.11 19.45
C ALA D 37 5.58 -29.37 19.25
N CYS D 38 4.82 -29.23 20.33
CA CYS D 38 3.45 -28.73 20.26
C CYS D 38 3.42 -27.33 20.86
N PHE D 39 3.47 -26.34 19.96
CA PHE D 39 3.45 -24.93 20.31
C PHE D 39 2.01 -24.50 20.39
N ILE D 40 1.60 -24.03 21.56
CA ILE D 40 0.17 -23.84 21.86
C ILE D 40 -0.14 -22.43 22.35
N ALA D 41 -1.15 -21.82 21.73
CA ALA D 41 -1.71 -20.56 22.20
C ALA D 41 -3.12 -20.84 22.70
N VAL D 42 -3.30 -20.66 24.01
CA VAL D 42 -4.61 -20.83 24.65
C VAL D 42 -5.40 -19.55 24.41
N GLU D 43 -6.62 -19.72 23.91
CA GLU D 43 -7.41 -18.58 23.44
C GLU D 43 -8.56 -18.27 24.39
N ARG D 44 -9.11 -17.07 24.27
CA ARG D 44 -10.17 -16.59 25.17
C ARG D 44 -11.37 -17.54 25.19
N GLU D 45 -11.76 -18.06 24.01
CA GLU D 45 -12.89 -19.01 23.97
C GLU D 45 -12.66 -20.29 24.79
N ASP D 46 -11.39 -20.59 25.09
CA ASP D 46 -11.06 -21.79 25.85
C ASP D 46 -11.43 -21.67 27.31
N GLU D 47 -11.52 -20.43 27.80
CA GLU D 47 -11.85 -20.16 29.21
C GLU D 47 -13.23 -20.69 29.58
N ASN D 48 -14.14 -20.76 28.61
CA ASN D 48 -15.49 -21.29 28.84
C ASN D 48 -15.51 -22.81 29.16
N ASN D 49 -14.53 -23.56 28.64
CA ASN D 49 -14.38 -24.99 28.97
C ASN D 49 -12.92 -25.45 28.87
N PRO D 50 -12.08 -25.08 29.87
CA PRO D 50 -10.65 -25.41 29.83
C PRO D 50 -10.37 -26.91 29.72
N GLU D 51 -11.16 -27.71 30.41
CA GLU D 51 -11.03 -29.17 30.42
C GLU D 51 -11.36 -29.80 29.06
N GLY D 52 -12.45 -29.35 28.44
CA GLY D 52 -12.86 -29.85 27.14
C GLY D 52 -11.88 -29.45 26.06
N THR D 53 -11.31 -28.25 26.20
CA THR D 53 -10.29 -27.75 25.29
C THR D 53 -9.06 -28.64 25.33
N ALA D 54 -8.56 -28.93 26.53
CA ALA D 54 -7.41 -29.80 26.70
C ALA D 54 -7.63 -31.19 26.09
N ILE D 55 -8.82 -31.77 26.33
CA ILE D 55 -9.15 -33.09 25.78
C ILE D 55 -9.15 -33.03 24.25
N GLY D 56 -9.78 -32.01 23.68
CA GLY D 56 -9.83 -31.81 22.23
C GLY D 56 -8.42 -31.66 21.63
N ALA D 57 -7.59 -30.88 22.31
CA ALA D 57 -6.18 -30.72 21.94
C ALA D 57 -5.42 -32.06 21.94
N VAL D 58 -5.54 -32.82 23.02
CA VAL D 58 -4.83 -34.11 23.13
C VAL D 58 -5.27 -35.06 22.02
N GLU D 59 -6.56 -35.06 21.72
CA GLU D 59 -7.14 -35.86 20.65
C GLU D 59 -6.44 -35.56 19.30
N GLU D 60 -6.28 -34.29 18.98
CA GLU D 60 -5.59 -33.91 17.76
C GLU D 60 -4.10 -34.21 17.82
N ILE D 61 -3.50 -34.04 18.99
CA ILE D 61 -2.09 -34.34 19.16
C ILE D 61 -1.83 -35.82 18.92
N GLU D 62 -2.66 -36.67 19.52
CA GLU D 62 -2.54 -38.11 19.34
C GLU D 62 -2.70 -38.48 17.87
N LYS D 63 -3.69 -37.89 17.22
CA LYS D 63 -3.96 -38.13 15.80
C LYS D 63 -2.70 -37.98 14.94
N VAL D 64 -1.96 -36.91 15.20
CA VAL D 64 -0.76 -36.56 14.42
C VAL D 64 0.43 -37.44 14.82
N ALA D 65 0.66 -37.56 16.12
CA ALA D 65 1.75 -38.37 16.64
C ALA D 65 1.62 -39.82 16.19
N ASN D 66 0.41 -40.37 16.28
CA ASN D 66 0.15 -41.75 15.83
C ASN D 66 0.44 -41.91 14.34
N GLN D 67 0.01 -40.94 13.54
CA GLN D 67 0.32 -40.94 12.09
C GLN D 67 1.83 -40.93 11.81
N LEU D 68 2.58 -40.17 12.60
CA LEU D 68 4.03 -40.06 12.41
C LEU D 68 4.86 -41.09 13.22
N LYS D 69 4.16 -41.95 13.97
CA LYS D 69 4.81 -42.95 14.85
C LYS D 69 5.74 -42.31 15.89
N VAL D 70 5.23 -41.24 16.50
CA VAL D 70 6.01 -40.49 17.46
C VAL D 70 5.42 -40.76 18.84
N ASN D 71 6.29 -41.02 19.82
CA ASN D 71 5.87 -41.14 21.23
C ASN D 71 6.36 -39.99 22.10
N ASN D 72 7.29 -39.18 21.57
CA ASN D 72 7.88 -38.06 22.29
C ASN D 72 7.14 -36.75 21.99
N ILE D 73 6.66 -36.07 23.03
CA ILE D 73 5.84 -34.86 22.83
C ILE D 73 6.39 -33.73 23.66
N VAL D 74 6.56 -32.55 23.07
CA VAL D 74 6.91 -31.37 23.84
C VAL D 74 5.72 -30.39 23.85
N VAL D 75 5.33 -29.98 25.04
CA VAL D 75 4.27 -28.97 25.18
C VAL D 75 4.96 -27.62 25.42
N TYR D 76 4.79 -26.69 24.49
CA TYR D 76 5.53 -25.43 24.52
C TYR D 76 4.58 -24.24 24.44
N PRO D 77 4.57 -23.39 25.50
CA PRO D 77 3.70 -22.21 25.41
C PRO D 77 4.15 -21.31 24.28
N TYR D 78 3.21 -20.87 23.45
CA TYR D 78 3.54 -20.05 22.28
C TYR D 78 2.37 -19.12 21.96
N ALA D 79 2.27 -18.01 22.68
CA ALA D 79 1.12 -17.08 22.53
C ALA D 79 1.02 -16.40 21.16
N HIS D 80 2.09 -16.50 20.36
CA HIS D 80 2.20 -15.82 19.07
C HIS D 80 1.22 -16.33 18.04
N LEU D 81 0.71 -17.53 18.28
CA LEU D 81 -0.15 -18.22 17.31
C LEU D 81 -1.58 -17.69 17.26
N SER D 82 -1.96 -16.85 18.22
CA SER D 82 -3.32 -16.32 18.29
C SER D 82 -3.41 -14.84 18.56
N SER D 83 -4.43 -14.19 18.02
CA SER D 83 -4.70 -12.78 18.34
C SER D 83 -5.92 -12.58 19.28
N ASP D 84 -6.43 -13.67 19.83
CA ASP D 84 -7.45 -13.58 20.88
C ASP D 84 -7.11 -14.53 22.02
N LEU D 85 -6.07 -14.16 22.74
CA LEU D 85 -5.46 -15.02 23.73
C LEU D 85 -6.25 -15.05 25.01
N SER D 86 -6.21 -16.19 25.70
CA SER D 86 -6.74 -16.27 27.04
C SER D 86 -5.81 -15.52 27.99
N SER D 87 -6.27 -15.33 29.23
CA SER D 87 -5.43 -14.82 30.29
C SER D 87 -4.31 -15.85 30.53
N PRO D 88 -3.16 -15.40 31.12
CA PRO D 88 -2.10 -16.37 31.46
C PRO D 88 -2.55 -17.45 32.41
N GLU D 89 -3.44 -17.12 33.35
CA GLU D 89 -3.97 -18.10 34.31
C GLU D 89 -4.67 -19.24 33.57
N THR D 90 -5.47 -18.88 32.56
CA THR D 90 -6.17 -19.87 31.77
C THR D 90 -5.15 -20.66 30.95
N ALA D 91 -4.20 -19.96 30.36
CA ALA D 91 -3.16 -20.61 29.55
C ALA D 91 -2.46 -21.74 30.34
N VAL D 92 -1.90 -21.41 31.50
CA VAL D 92 -1.13 -22.40 32.27
C VAL D 92 -1.96 -23.61 32.66
N LYS D 93 -3.22 -23.38 33.05
CA LYS D 93 -4.11 -24.47 33.46
C LYS D 93 -4.34 -25.46 32.32
N VAL D 94 -4.64 -24.93 31.14
CA VAL D 94 -4.89 -25.77 29.96
C VAL D 94 -3.62 -26.56 29.59
N LEU D 95 -2.47 -25.90 29.59
CA LEU D 95 -1.22 -26.55 29.17
C LEU D 95 -0.84 -27.66 30.13
N LYS D 96 -1.12 -27.44 31.42
CA LYS D 96 -0.86 -28.45 32.43
C LYS D 96 -1.77 -29.66 32.25
N ASP D 97 -3.02 -29.41 31.85
CA ASP D 97 -4.00 -30.48 31.58
C ASP D 97 -3.52 -31.35 30.41
N ILE D 98 -3.13 -30.69 29.33
CA ILE D 98 -2.64 -31.38 28.15
C ILE D 98 -1.47 -32.28 28.53
N GLU D 99 -0.51 -31.73 29.29
CA GLU D 99 0.65 -32.49 29.73
C GLU D 99 0.20 -33.71 30.54
N SER D 100 -0.72 -33.50 31.49
CA SER D 100 -1.14 -34.59 32.39
C SER D 100 -1.83 -35.70 31.62
N ILE D 101 -2.74 -35.32 30.73
CA ILE D 101 -3.49 -36.29 29.92
C ILE D 101 -2.55 -37.12 29.03
N LEU D 102 -1.62 -36.45 28.35
CA LEU D 102 -0.67 -37.16 27.47
C LEU D 102 0.17 -38.16 28.28
N LYS D 103 0.61 -37.71 29.45
CA LYS D 103 1.39 -38.55 30.36
C LYS D 103 0.61 -39.79 30.81
N GLU D 104 -0.69 -39.62 31.05
CA GLU D 104 -1.58 -40.73 31.38
C GLU D 104 -1.80 -41.71 30.21
N ARG D 105 -1.69 -41.20 28.99
CA ARG D 105 -1.92 -42.00 27.79
C ARG D 105 -0.68 -42.68 27.22
N GLY D 106 0.43 -42.62 27.95
CA GLY D 106 1.64 -43.38 27.59
C GLY D 106 2.75 -42.64 26.85
N TYR D 107 2.55 -41.35 26.60
CA TYR D 107 3.51 -40.52 25.86
C TYR D 107 4.66 -40.06 26.76
N ASN D 108 5.84 -39.94 26.17
CA ASN D 108 7.00 -39.35 26.83
C ASN D 108 6.94 -37.83 26.63
N VAL D 109 6.60 -37.11 27.70
CA VAL D 109 6.21 -35.69 27.61
C VAL D 109 7.16 -34.76 28.35
N LEU D 110 7.50 -33.66 27.69
CA LEU D 110 8.21 -32.54 28.31
C LEU D 110 7.38 -31.26 28.14
N ARG D 111 7.13 -30.53 29.22
CA ARG D 111 6.51 -29.21 29.10
C ARG D 111 7.53 -28.12 29.40
N ALA D 112 7.71 -27.19 28.45
CA ALA D 112 8.56 -26.02 28.70
C ALA D 112 7.95 -25.18 29.81
N PRO D 113 8.77 -24.67 30.75
CA PRO D 113 8.21 -23.91 31.88
C PRO D 113 7.50 -22.63 31.44
N PHE D 114 6.36 -22.39 32.05
CA PHE D 114 5.52 -21.23 31.74
C PHE D 114 6.03 -19.94 32.37
N GLY D 115 5.98 -18.85 31.60
CA GLY D 115 6.34 -17.52 32.09
C GLY D 115 7.84 -17.29 32.31
N TRP D 116 8.67 -18.07 31.61
CA TRP D 116 10.11 -17.81 31.57
C TRP D 116 10.51 -17.45 30.15
N TYR D 117 11.44 -16.51 30.01
CA TYR D 117 12.16 -16.32 28.75
C TYR D 117 13.09 -17.52 28.59
N LYS D 118 12.97 -18.20 27.44
CA LYS D 118 13.69 -19.44 27.18
C LYS D 118 14.46 -19.36 25.88
N ALA D 119 15.71 -19.77 25.93
CA ALA D 119 16.42 -20.08 24.69
C ALA D 119 15.89 -21.44 24.25
N PHE D 120 15.85 -21.67 22.95
CA PHE D 120 15.51 -22.99 22.44
C PHE D 120 16.14 -23.29 21.10
N LYS D 121 16.28 -24.59 20.85
CA LYS D 121 16.81 -25.10 19.60
C LYS D 121 15.80 -26.08 19.05
N ILE D 122 15.51 -25.95 17.77
CA ILE D 122 14.62 -26.88 17.11
C ILE D 122 15.10 -27.15 15.69
N SER D 123 14.85 -28.38 15.24
CA SER D 123 15.10 -28.77 13.86
C SER D 123 13.86 -29.48 13.36
N CYS D 124 13.18 -28.84 12.41
CA CYS D 124 11.97 -29.38 11.81
C CYS D 124 12.35 -30.26 10.61
N LYS D 125 11.75 -31.45 10.54
CA LYS D 125 12.14 -32.44 9.53
C LYS D 125 11.76 -32.03 8.10
N GLY D 126 10.70 -31.25 7.94
CA GLY D 126 10.38 -30.67 6.64
C GLY D 126 9.53 -31.45 5.65
N HIS D 127 9.04 -32.62 6.04
CA HIS D 127 8.12 -33.38 5.18
C HIS D 127 6.73 -32.74 5.22
N PRO D 128 5.83 -33.12 4.30
CA PRO D 128 4.52 -32.43 4.22
C PRO D 128 3.65 -32.44 5.48
N LEU D 129 3.93 -33.36 6.40
CA LEU D 129 3.14 -33.46 7.64
C LEU D 129 3.93 -33.02 8.88
N SER D 130 5.01 -32.28 8.64
CA SER D 130 5.96 -31.89 9.69
C SER D 130 5.67 -30.56 10.38
N GLU D 131 4.74 -29.77 9.83
CA GLU D 131 4.38 -28.47 10.41
C GLU D 131 2.89 -28.28 10.23
N LEU D 132 2.12 -28.70 11.21
CA LEU D 132 0.67 -28.71 11.09
C LEU D 132 -0.01 -27.74 12.04
N SER D 133 -0.91 -26.94 11.48
CA SER D 133 -1.68 -25.98 12.25
C SER D 133 -3.04 -26.56 12.59
N ARG D 134 -3.46 -26.39 13.84
CA ARG D 134 -4.77 -26.93 14.28
C ARG D 134 -5.56 -25.94 15.11
N LYS D 135 -6.84 -25.78 14.78
CA LYS D 135 -7.76 -25.02 15.61
C LYS D 135 -8.54 -25.99 16.49
N ILE D 136 -8.51 -25.75 17.80
CA ILE D 136 -9.27 -26.58 18.75
C ILE D 136 -10.41 -25.78 19.34
N VAL D 137 -11.60 -26.35 19.25
CA VAL D 137 -12.80 -25.80 19.88
C VAL D 137 -13.38 -26.92 20.77
N ALA D 138 -14.12 -26.55 21.81
CA ALA D 138 -14.62 -27.53 22.78
C ALA D 138 -16.15 -27.50 22.94
#